data_9PTG
#
_entry.id   9PTG
#
_cell.length_a   161.825
_cell.length_b   161.825
_cell.length_c   99.734
_cell.angle_alpha   90.000
_cell.angle_beta   90.000
_cell.angle_gamma   120.000
#
_symmetry.space_group_name_H-M   'P 32 2 1'
#
loop_
_entity.id
_entity.type
_entity.pdbx_description
1 polymer 'PUM-HD domain-containing protein'
2 polymer 'pos-1 RNA mut2'
3 non-polymer 'SULFATE ION'
4 non-polymer GLYCEROL
5 water water
#
loop_
_entity_poly.entity_id
_entity_poly.type
_entity_poly.pdbx_seq_one_letter_code
_entity_poly.pdbx_strand_id
1 'polypeptide(L)'
;SAVRLIDLENNASFSKSLNSTTRSHKCTLPIWAGDGEGNVSDSVTLQDVLANDALVEFATDKNGCRFLQEHYPTENDNDV
HQKLFRKLVEDRAIFLSLCSNMFGNFFVQRVLECSNTEEQEILTEHLATDLYNLCLDKSACRVIQLAIQKLDVHLATRLS
LELRDTHLVRLSIDQNGNHVIQKIVKTLPVSSWTFLVDFFADDDNLIHVCQDKYGCRVIQSTVETLSTDQYAQCYQHRVI
LLRSLMAGVTRNCTQLASNEFANYVVQHVIKCGDALAVYRDIIIEQCLLQNLLSMSQEKYASHVVEVAFECAPYRLVAEM
MNEIFEGYIPHPDTNRDALDILLFHQYGNYVVQQMIQTCVLGQNARDQKQSEMYGMWLEKIHGRVMRNAHRLERFSSGKK
IIEALQSMSLY
;
A
2 'polyribonucleotide' CUGUAUAAUAU B
#
loop_
_chem_comp.id
_chem_comp.type
_chem_comp.name
_chem_comp.formula
A RNA linking ADENOSINE-5'-MONOPHOSPHATE 'C10 H14 N5 O7 P'
C RNA linking CYTIDINE-5'-MONOPHOSPHATE 'C9 H14 N3 O8 P'
G RNA linking GUANOSINE-5'-MONOPHOSPHATE 'C10 H14 N5 O8 P'
GOL non-polymer GLYCEROL 'C3 H8 O3'
SO4 non-polymer 'SULFATE ION' 'O4 S -2'
U RNA linking URIDINE-5'-MONOPHOSPHATE 'C9 H13 N2 O9 P'
#
# COMPACT_ATOMS: atom_id res chain seq x y z
N ALA A 2 29.65 53.40 -20.71
CA ALA A 2 28.48 52.58 -20.34
C ALA A 2 28.11 52.83 -18.87
N VAL A 3 27.37 53.90 -18.60
CA VAL A 3 26.94 54.22 -17.20
C VAL A 3 25.97 53.13 -16.76
N ARG A 4 25.97 52.79 -15.47
CA ARG A 4 25.11 51.68 -14.98
C ARG A 4 23.69 52.18 -14.71
N LEU A 5 22.70 51.30 -14.87
CA LEU A 5 21.29 51.66 -14.56
C LEU A 5 20.73 50.61 -13.62
N ILE A 6 20.28 51.04 -12.44
CA ILE A 6 19.66 50.09 -11.47
C ILE A 6 18.14 50.16 -11.68
N ASP A 7 17.54 49.08 -12.17
CA ASP A 7 16.08 49.09 -12.46
C ASP A 7 15.34 48.39 -11.31
N LEU A 8 14.74 49.18 -10.43
CA LEU A 8 13.96 48.59 -9.31
C LEU A 8 12.56 48.28 -9.81
N GLU A 9 11.81 47.47 -9.04
CA GLU A 9 10.44 47.07 -9.45
C GLU A 9 9.44 48.10 -8.96
N ASN A 10 8.34 48.27 -9.68
CA ASN A 10 7.31 49.26 -9.30
C ASN A 10 6.40 48.65 -8.24
N ASN A 11 6.03 49.43 -7.22
CA ASN A 11 5.20 48.90 -6.11
C ASN A 11 3.75 48.79 -6.56
N ALA A 12 3.33 47.59 -6.97
CA ALA A 12 1.91 47.36 -7.34
C ALA A 12 1.21 46.74 -6.14
N SER A 13 1.07 47.50 -5.06
CA SER A 13 0.46 46.95 -3.82
C SER A 13 -1.01 46.67 -4.06
N PHE A 14 -1.64 47.46 -4.93
CA PHE A 14 -3.10 47.31 -5.14
C PHE A 14 -3.36 46.56 -6.45
N SER A 15 -3.06 45.26 -6.46
CA SER A 15 -3.37 44.44 -7.62
C SER A 15 -3.98 43.11 -7.19
N LYS A 16 -3.62 42.66 -5.98
CA LYS A 16 -4.36 41.56 -5.36
C LYS A 16 -5.77 42.01 -5.00
N SER A 17 -5.93 43.29 -4.68
CA SER A 17 -7.24 43.89 -4.47
C SER A 17 -8.11 43.81 -5.73
N LEU A 18 -7.52 44.13 -6.88
CA LEU A 18 -8.29 44.23 -8.13
C LEU A 18 -8.31 42.92 -8.91
N ASN A 19 -7.74 41.85 -8.36
CA ASN A 19 -8.00 40.50 -8.84
C ASN A 19 -8.96 39.74 -7.93
N SER A 20 -9.35 40.34 -6.81
CA SER A 20 -10.28 39.72 -5.86
C SER A 20 -11.73 39.85 -6.29
N THR A 21 -11.97 40.59 -7.38
CA THR A 21 -13.35 40.81 -7.86
C THR A 21 -13.70 39.70 -8.85
N THR A 22 -14.73 38.92 -8.55
CA THR A 22 -15.13 37.79 -9.42
C THR A 22 -16.62 37.88 -9.71
N ARG A 23 -17.06 37.32 -10.83
CA ARG A 23 -18.51 37.30 -11.15
C ARG A 23 -19.23 36.39 -10.14
N SER A 24 -18.66 35.22 -9.86
CA SER A 24 -19.30 34.25 -8.94
C SER A 24 -18.59 34.25 -7.59
N HIS A 25 -19.30 33.83 -6.54
CA HIS A 25 -18.69 33.78 -5.18
C HIS A 25 -17.93 32.47 -5.03
N LYS A 26 -18.14 31.52 -5.94
CA LYS A 26 -17.48 30.20 -5.83
C LYS A 26 -16.23 30.17 -6.69
N CYS A 27 -16.38 30.47 -7.98
CA CYS A 27 -15.20 30.53 -8.88
C CYS A 27 -14.35 31.74 -8.50
N THR A 28 -13.03 31.61 -8.61
CA THR A 28 -12.13 32.67 -8.17
C THR A 28 -11.46 33.41 -9.32
N LEU A 29 -11.83 33.09 -10.56
CA LEU A 29 -11.22 33.72 -11.72
C LEU A 29 -11.63 35.19 -11.77
N PRO A 30 -10.67 36.11 -11.91
CA PRO A 30 -11.02 37.54 -11.86
C PRO A 30 -11.87 38.01 -13.03
N ILE A 31 -12.59 39.11 -12.77
CA ILE A 31 -13.59 39.66 -13.68
C ILE A 31 -13.00 40.10 -15.03
N TRP A 32 -11.71 40.42 -15.07
CA TRP A 32 -11.12 40.88 -16.32
C TRP A 32 -10.86 39.74 -17.30
N ALA A 33 -10.74 38.50 -16.81
CA ALA A 33 -10.28 37.38 -17.62
C ALA A 33 -11.40 36.47 -18.09
N GLY A 34 -12.65 36.75 -17.74
CA GLY A 34 -13.70 35.83 -18.10
C GLY A 34 -14.67 36.35 -19.15
N ASP A 35 -15.39 35.43 -19.78
CA ASP A 35 -16.35 35.76 -20.83
C ASP A 35 -17.78 35.92 -20.31
N GLY A 36 -18.01 35.70 -19.02
CA GLY A 36 -19.31 35.81 -18.38
C GLY A 36 -19.86 34.47 -17.91
N GLU A 37 -19.47 33.37 -18.56
CA GLU A 37 -20.00 32.06 -18.27
C GLU A 37 -19.07 31.21 -17.40
N GLY A 38 -18.02 31.80 -16.86
CA GLY A 38 -17.07 31.07 -16.04
C GLY A 38 -15.84 30.57 -16.75
N ASN A 39 -15.75 30.75 -18.07
CA ASN A 39 -14.59 30.33 -18.82
C ASN A 39 -13.58 31.48 -18.93
N VAL A 40 -12.48 31.23 -19.62
CA VAL A 40 -11.43 32.23 -19.81
C VAL A 40 -11.56 32.79 -21.22
N SER A 41 -11.55 34.12 -21.34
CA SER A 41 -11.68 34.80 -22.62
C SER A 41 -10.53 34.45 -23.55
N ASP A 42 -10.82 34.44 -24.85
CA ASP A 42 -9.81 34.06 -25.84
C ASP A 42 -8.76 35.14 -26.04
N SER A 43 -9.05 36.38 -25.65
CA SER A 43 -8.05 37.43 -25.67
C SER A 43 -7.03 37.30 -24.54
N VAL A 44 -7.34 36.52 -23.52
CA VAL A 44 -6.44 36.35 -22.37
C VAL A 44 -5.31 35.41 -22.77
N THR A 45 -4.09 35.85 -22.55
CA THR A 45 -2.86 35.07 -22.74
C THR A 45 -2.10 35.00 -21.42
N LEU A 46 -1.00 34.24 -21.41
CA LEU A 46 -0.22 34.06 -20.20
C LEU A 46 0.52 35.31 -19.80
N GLN A 47 0.92 36.14 -20.78
CA GLN A 47 1.51 37.43 -20.49
C GLN A 47 0.50 38.37 -19.81
N ASP A 48 -0.78 38.21 -20.12
CA ASP A 48 -1.82 38.95 -19.39
C ASP A 48 -1.94 38.49 -17.94
N VAL A 49 -1.74 37.19 -17.69
CA VAL A 49 -1.69 36.68 -16.32
C VAL A 49 -0.49 37.25 -15.58
N LEU A 50 0.66 37.30 -16.25
CA LEU A 50 1.88 37.79 -15.62
C LEU A 50 1.85 39.30 -15.39
N ALA A 51 1.19 40.04 -16.28
CA ALA A 51 1.16 41.50 -16.15
C ALA A 51 0.23 41.96 -15.02
N ASN A 52 -0.77 41.16 -14.69
CA ASN A 52 -1.73 41.53 -13.66
C ASN A 52 -1.47 40.88 -12.32
N ASP A 53 -0.40 40.07 -12.22
CA ASP A 53 -0.04 39.29 -11.02
C ASP A 53 -1.22 38.42 -10.57
N ALA A 54 -1.72 37.60 -11.50
CA ALA A 54 -2.93 36.84 -11.25
C ALA A 54 -2.74 35.35 -11.50
N LEU A 55 -1.52 34.85 -11.30
CA LEU A 55 -1.28 33.41 -11.32
C LEU A 55 -2.05 32.71 -10.20
N VAL A 56 -2.06 33.31 -9.01
CA VAL A 56 -2.70 32.72 -7.84
C VAL A 56 -4.20 32.59 -8.05
N GLU A 57 -4.83 33.66 -8.54
CA GLU A 57 -6.28 33.66 -8.71
C GLU A 57 -6.73 32.77 -9.86
N PHE A 58 -5.90 32.63 -10.90
CA PHE A 58 -6.17 31.63 -11.93
C PHE A 58 -6.03 30.22 -11.37
N ALA A 59 -5.10 30.02 -10.43
CA ALA A 59 -4.73 28.68 -10.01
C ALA A 59 -5.83 28.03 -9.15
N THR A 60 -6.51 28.82 -8.32
CA THR A 60 -7.53 28.27 -7.43
C THR A 60 -8.92 28.24 -8.07
N ASP A 61 -9.02 28.59 -9.35
CA ASP A 61 -10.22 28.40 -10.16
C ASP A 61 -9.95 27.30 -11.17
N LYS A 62 -10.96 26.46 -11.42
CA LYS A 62 -10.78 25.25 -12.23
C LYS A 62 -10.43 25.57 -13.68
N ASN A 63 -11.15 26.53 -14.28
CA ASN A 63 -10.93 26.83 -15.69
C ASN A 63 -9.62 27.59 -15.90
N GLY A 64 -9.30 28.50 -14.98
CA GLY A 64 -8.03 29.20 -15.08
C GLY A 64 -6.83 28.28 -14.87
N CYS A 65 -6.97 27.30 -13.98
CA CYS A 65 -5.91 26.32 -13.81
C CYS A 65 -5.80 25.38 -15.01
N ARG A 66 -6.92 25.05 -15.65
CA ARG A 66 -6.86 24.28 -16.89
C ARG A 66 -6.18 25.07 -18.00
N PHE A 67 -6.42 26.38 -18.03
CA PHE A 67 -5.73 27.28 -18.95
C PHE A 67 -4.21 27.27 -18.71
N LEU A 68 -3.82 27.35 -17.43
CA LEU A 68 -2.40 27.32 -17.06
C LEU A 68 -1.76 25.99 -17.44
N GLN A 69 -2.44 24.88 -17.17
CA GLN A 69 -1.90 23.56 -17.49
C GLN A 69 -1.80 23.31 -18.98
N GLU A 70 -2.76 23.82 -19.77
CA GLU A 70 -2.69 23.62 -21.20
C GLU A 70 -1.58 24.45 -21.84
N HIS A 71 -1.49 25.72 -21.47
CA HIS A 71 -0.60 26.62 -22.20
C HIS A 71 0.78 26.75 -21.56
N TYR A 72 1.09 25.93 -20.56
CA TYR A 72 2.40 25.98 -19.91
C TYR A 72 3.48 25.53 -20.88
N PRO A 73 4.52 26.33 -21.08
CA PRO A 73 5.58 25.92 -22.00
C PRO A 73 6.46 24.83 -21.39
N THR A 74 6.61 23.74 -22.13
CA THR A 74 7.36 22.59 -21.64
C THR A 74 8.86 22.82 -21.62
N GLU A 75 9.36 23.76 -22.42
CA GLU A 75 10.79 23.96 -22.59
C GLU A 75 11.33 24.92 -21.55
N ASN A 76 12.45 24.56 -20.92
CA ASN A 76 12.97 25.30 -19.78
C ASN A 76 13.66 26.61 -20.15
N ASP A 77 14.03 26.80 -21.41
CA ASP A 77 14.65 28.04 -21.85
C ASP A 77 13.65 29.03 -22.43
N ASN A 78 12.37 28.69 -22.50
CA ASN A 78 11.29 29.63 -22.77
C ASN A 78 11.18 30.64 -21.63
N ASP A 79 10.95 31.88 -22.04
CA ASP A 79 10.90 33.03 -21.16
C ASP A 79 9.69 32.97 -20.24
N VAL A 80 8.50 32.76 -20.83
CA VAL A 80 7.23 32.77 -20.09
C VAL A 80 7.19 31.66 -19.06
N HIS A 81 7.79 30.51 -19.40
CA HIS A 81 8.02 29.41 -18.46
C HIS A 81 8.78 29.88 -17.22
N GLN A 82 9.86 30.64 -17.42
CA GLN A 82 10.68 31.09 -16.30
C GLN A 82 9.97 32.16 -15.47
N LYS A 83 9.26 33.10 -16.11
CA LYS A 83 8.52 34.11 -15.33
C LYS A 83 7.38 33.48 -14.54
N LEU A 84 6.69 32.49 -15.13
CA LEU A 84 5.62 31.81 -14.41
C LEU A 84 6.17 31.02 -13.23
N PHE A 85 7.31 30.33 -13.43
CA PHE A 85 7.90 29.57 -12.33
C PHE A 85 8.39 30.47 -11.21
N ARG A 86 9.00 31.62 -11.58
CA ARG A 86 9.46 32.57 -10.57
C ARG A 86 8.28 33.16 -9.79
N LYS A 87 7.16 33.42 -10.47
CA LYS A 87 5.96 33.88 -9.79
C LYS A 87 5.38 32.81 -8.87
N LEU A 88 5.51 31.55 -9.25
CA LEU A 88 5.05 30.46 -8.39
C LEU A 88 5.89 30.34 -7.12
N VAL A 89 7.22 30.30 -7.25
CA VAL A 89 8.09 30.03 -6.09
C VAL A 89 8.65 31.32 -5.47
N GLU A 90 8.04 32.47 -5.77
CA GLU A 90 8.45 33.71 -5.12
C GLU A 90 8.18 33.68 -3.61
N ASP A 91 7.06 33.12 -3.21
CA ASP A 91 6.65 33.12 -1.81
C ASP A 91 6.47 31.66 -1.35
N ARG A 92 6.91 31.39 -0.12
CA ARG A 92 6.72 30.06 0.47
C ARG A 92 5.26 29.79 0.78
N ALA A 93 4.60 30.74 1.44
CA ALA A 93 3.22 30.54 1.88
C ALA A 93 2.26 30.45 0.69
N ILE A 94 2.51 31.27 -0.35
CA ILE A 94 1.69 31.24 -1.56
C ILE A 94 1.85 29.89 -2.27
N PHE A 95 3.10 29.42 -2.38
CA PHE A 95 3.35 28.13 -3.04
C PHE A 95 2.71 26.98 -2.27
N LEU A 96 2.88 26.97 -0.95
CA LEU A 96 2.37 25.81 -0.18
C LEU A 96 0.84 25.85 -0.17
N SER A 97 0.26 27.04 -0.31
CA SER A 97 -1.22 27.16 -0.37
C SER A 97 -1.73 26.56 -1.68
N LEU A 98 -1.06 26.88 -2.79
CA LEU A 98 -1.51 26.37 -4.11
C LEU A 98 -1.33 24.86 -4.14
N CYS A 99 -0.35 24.34 -3.41
CA CYS A 99 -0.17 22.87 -3.33
C CYS A 99 -1.37 22.27 -2.59
N SER A 100 -1.88 22.98 -1.58
CA SER A 100 -2.99 22.45 -0.77
C SER A 100 -4.34 22.92 -1.31
N ASN A 101 -4.35 23.48 -2.52
CA ASN A 101 -5.63 23.93 -3.14
C ASN A 101 -6.21 22.80 -3.99
N MET A 102 -7.53 22.64 -3.93
CA MET A 102 -8.19 21.55 -4.70
C MET A 102 -7.80 21.65 -6.17
N PHE A 103 -7.55 22.87 -6.66
CA PHE A 103 -7.28 22.99 -8.08
C PHE A 103 -5.84 23.35 -8.42
N GLY A 104 -5.15 24.12 -7.58
CA GLY A 104 -3.80 24.56 -7.90
C GLY A 104 -2.76 23.47 -7.85
N ASN A 105 -3.05 22.36 -7.16
CA ASN A 105 -2.10 21.25 -7.09
C ASN A 105 -1.90 20.59 -8.45
N PHE A 106 -2.90 20.66 -9.35
CA PHE A 106 -2.71 20.18 -10.71
C PHE A 106 -1.70 21.04 -11.47
N PHE A 107 -1.67 22.35 -11.21
CA PHE A 107 -0.66 23.19 -11.82
C PHE A 107 0.73 22.91 -11.23
N VAL A 108 0.80 22.70 -9.91
CA VAL A 108 2.09 22.37 -9.29
C VAL A 108 2.59 21.03 -9.81
N GLN A 109 1.67 20.09 -10.06
CA GLN A 109 2.04 18.82 -10.69
C GLN A 109 2.54 19.03 -12.12
N ARG A 110 1.91 19.95 -12.86
CA ARG A 110 2.37 20.25 -14.21
C ARG A 110 3.80 20.82 -14.21
N VAL A 111 4.09 21.75 -13.30
CA VAL A 111 5.46 22.27 -13.25
C VAL A 111 6.43 21.22 -12.71
N LEU A 112 5.94 20.20 -11.98
CA LEU A 112 6.81 19.07 -11.64
C LEU A 112 7.15 18.25 -12.88
N GLU A 113 6.17 17.98 -13.76
CA GLU A 113 6.48 17.22 -14.98
C GLU A 113 7.39 18.01 -15.92
N CYS A 114 7.31 19.34 -15.90
CA CYS A 114 8.17 20.13 -16.79
C CYS A 114 9.48 20.57 -16.15
N SER A 115 9.78 20.11 -14.94
CA SER A 115 10.92 20.66 -14.21
C SER A 115 12.23 20.00 -14.64
N ASN A 116 13.31 20.73 -14.42
CA ASN A 116 14.66 20.19 -14.41
C ASN A 116 15.25 20.42 -13.00
N THR A 117 16.55 20.17 -12.87
CA THR A 117 17.20 20.05 -11.57
C THR A 117 17.20 21.36 -10.78
N GLU A 118 17.49 22.48 -11.46
CA GLU A 118 17.57 23.79 -10.81
C GLU A 118 16.22 24.21 -10.23
N GLU A 119 15.13 23.94 -10.95
CA GLU A 119 13.80 24.17 -10.40
C GLU A 119 13.48 23.20 -9.27
N GLN A 120 13.97 21.95 -9.39
CA GLN A 120 13.72 20.93 -8.39
C GLN A 120 14.32 21.27 -7.04
N GLU A 121 15.46 22.00 -7.01
CA GLU A 121 16.07 22.38 -5.74
C GLU A 121 15.17 23.33 -4.93
N ILE A 122 14.71 24.42 -5.55
CA ILE A 122 13.87 25.38 -4.85
C ILE A 122 12.49 24.77 -4.55
N LEU A 123 12.01 23.88 -5.42
CA LEU A 123 10.76 23.16 -5.17
C LEU A 123 10.88 22.28 -3.92
N THR A 124 11.99 21.55 -3.79
CA THR A 124 12.22 20.69 -2.65
C THR A 124 12.41 21.48 -1.37
N GLU A 125 13.10 22.62 -1.47
CA GLU A 125 13.30 23.50 -0.32
C GLU A 125 11.98 24.06 0.17
N HIS A 126 11.08 24.41 -0.75
CA HIS A 126 9.75 24.85 -0.37
C HIS A 126 8.95 23.74 0.29
N LEU A 127 8.97 22.53 -0.29
CA LEU A 127 8.14 21.44 0.21
C LEU A 127 8.60 20.93 1.58
N ALA A 128 9.92 20.90 1.81
CA ALA A 128 10.46 20.30 3.03
C ALA A 128 10.10 21.08 4.30
N THR A 129 9.71 22.35 4.18
CA THR A 129 9.40 23.17 5.34
C THR A 129 8.18 22.65 6.09
N ASP A 130 7.15 22.19 5.36
CA ASP A 130 5.92 21.68 5.96
C ASP A 130 5.48 20.40 5.27
N LEU A 131 6.44 19.52 4.94
CA LEU A 131 6.17 18.27 4.22
C LEU A 131 5.15 17.37 4.94
N TYR A 132 5.25 17.19 6.26
CA TYR A 132 4.38 16.25 6.97
C TYR A 132 2.90 16.67 6.88
N ASN A 133 2.64 17.94 7.13
CA ASN A 133 1.23 18.41 7.08
C ASN A 133 0.77 18.41 5.61
N LEU A 134 1.70 18.57 4.68
CA LEU A 134 1.35 18.52 3.24
C LEU A 134 0.96 17.09 2.89
N CYS A 135 1.65 16.11 3.46
CA CYS A 135 1.34 14.69 3.19
C CYS A 135 0.00 14.37 3.84
N LEU A 136 -0.38 15.13 4.87
CA LEU A 136 -1.68 14.92 5.49
C LEU A 136 -2.83 15.47 4.63
N ASP A 137 -2.56 16.46 3.78
CA ASP A 137 -3.59 17.13 2.98
C ASP A 137 -4.03 16.25 1.81
N LYS A 138 -5.31 16.36 1.45
CA LYS A 138 -5.88 15.50 0.41
C LYS A 138 -5.38 15.92 -0.98
N SER A 139 -5.15 17.20 -1.20
CA SER A 139 -4.71 17.70 -2.50
C SER A 139 -3.20 17.77 -2.62
N ALA A 140 -2.50 18.21 -1.57
CA ALA A 140 -1.06 18.39 -1.64
C ALA A 140 -0.29 17.07 -1.64
N CYS A 141 -0.88 16.01 -1.09
CA CYS A 141 -0.18 14.74 -1.03
C CYS A 141 0.07 14.17 -2.42
N ARG A 142 -0.80 14.45 -3.38
CA ARG A 142 -0.57 14.02 -4.76
C ARG A 142 0.65 14.72 -5.36
N VAL A 143 0.85 16.00 -5.01
CA VAL A 143 2.06 16.72 -5.36
C VAL A 143 3.28 16.06 -4.73
N ILE A 144 3.13 15.57 -3.48
CA ILE A 144 4.26 14.91 -2.82
C ILE A 144 4.60 13.58 -3.49
N GLN A 145 3.59 12.87 -3.97
CA GLN A 145 3.83 11.56 -4.63
C GLN A 145 4.55 11.80 -5.96
N LEU A 146 4.14 12.81 -6.71
CA LEU A 146 4.76 13.05 -8.04
C LEU A 146 6.19 13.53 -7.80
N ALA A 147 6.41 14.23 -6.69
CA ALA A 147 7.78 14.67 -6.36
C ALA A 147 8.67 13.45 -6.18
N ILE A 148 8.27 12.52 -5.32
CA ILE A 148 9.10 11.32 -5.04
C ILE A 148 9.41 10.64 -6.37
N GLN A 149 8.51 10.76 -7.33
CA GLN A 149 8.70 10.09 -8.64
C GLN A 149 9.65 10.87 -9.54
N LYS A 150 9.53 12.19 -9.60
CA LYS A 150 10.35 12.96 -10.58
C LYS A 150 11.59 13.56 -9.92
N LEU A 151 11.52 13.92 -8.64
CA LEU A 151 12.68 14.60 -8.01
C LEU A 151 13.92 13.72 -8.15
N ASP A 152 15.09 14.33 -8.29
CA ASP A 152 16.36 13.54 -8.31
C ASP A 152 16.45 12.78 -6.99
N VAL A 153 17.07 11.61 -7.00
CA VAL A 153 17.08 10.74 -5.78
C VAL A 153 17.53 11.54 -4.55
N HIS A 154 18.55 12.38 -4.69
CA HIS A 154 19.09 13.07 -3.49
C HIS A 154 18.02 14.01 -2.92
N LEU A 155 17.27 14.68 -3.78
CA LEU A 155 16.25 15.65 -3.33
C LEU A 155 15.11 14.88 -2.67
N ALA A 156 14.67 13.79 -3.30
CA ALA A 156 13.58 12.97 -2.73
C ALA A 156 14.04 12.42 -1.38
N THR A 157 15.31 12.04 -1.30
CA THR A 157 15.87 11.49 -0.05
C THR A 157 15.74 12.54 1.05
N ARG A 158 16.14 13.78 0.75
CA ARG A 158 15.97 14.87 1.73
C ARG A 158 14.51 14.89 2.17
N LEU A 159 13.59 14.83 1.22
CA LEU A 159 12.18 14.87 1.54
C LEU A 159 11.77 13.69 2.44
N SER A 160 12.21 12.48 2.11
CA SER A 160 11.82 11.31 2.90
C SER A 160 12.37 11.37 4.32
N LEU A 161 13.63 11.79 4.48
CA LEU A 161 14.16 11.95 5.83
C LEU A 161 13.60 13.17 6.57
N GLU A 162 12.89 14.07 5.88
CA GLU A 162 12.15 15.12 6.61
C GLU A 162 11.05 14.54 7.51
N LEU A 163 10.56 13.33 7.24
CA LEU A 163 9.56 12.70 8.09
C LEU A 163 10.15 11.81 9.18
N ARG A 164 11.40 12.05 9.61
CA ARG A 164 12.11 11.05 10.40
C ARG A 164 11.58 10.95 11.83
N ASP A 165 11.40 12.07 12.52
CA ASP A 165 11.06 12.05 13.94
C ASP A 165 9.61 12.47 14.19
N THR A 166 8.72 12.14 13.26
CA THR A 166 7.33 12.57 13.30
C THR A 166 6.42 11.45 13.79
N HIS A 167 5.10 11.68 13.77
CA HIS A 167 4.12 10.67 14.18
C HIS A 167 3.82 9.79 12.98
N LEU A 168 4.67 8.78 12.79
CA LEU A 168 4.57 7.94 11.60
C LEU A 168 3.37 7.00 11.65
N VAL A 169 2.89 6.66 12.85
CA VAL A 169 1.69 5.83 12.94
C VAL A 169 0.47 6.60 12.43
N ARG A 170 0.39 7.90 12.74
CA ARG A 170 -0.69 8.74 12.25
C ARG A 170 -0.61 8.93 10.74
N LEU A 171 0.61 9.04 10.20
CA LEU A 171 0.77 9.11 8.75
C LEU A 171 0.40 7.80 8.07
N SER A 172 0.79 6.68 8.66
CA SER A 172 0.57 5.39 7.99
C SER A 172 -0.88 4.94 8.05
N ILE A 173 -1.62 5.28 9.11
CA ILE A 173 -3.04 4.97 9.15
C ILE A 173 -3.89 6.03 8.46
N ASP A 174 -3.28 7.10 7.93
CA ASP A 174 -4.02 8.14 7.25
C ASP A 174 -4.49 7.67 5.88
N GLN A 175 -5.60 8.26 5.42
CA GLN A 175 -6.13 7.97 4.10
C GLN A 175 -5.24 8.51 2.98
N ASN A 176 -4.64 9.69 3.20
CA ASN A 176 -3.80 10.30 2.19
C ASN A 176 -2.32 9.98 2.38
N GLY A 177 -1.84 9.97 3.63
CA GLY A 177 -0.43 9.82 3.89
C GLY A 177 0.13 8.43 3.63
N ASN A 178 -0.75 7.43 3.74
CA ASN A 178 -0.31 6.03 3.54
C ASN A 178 0.29 5.90 2.16
N HIS A 179 -0.30 6.57 1.18
CA HIS A 179 0.16 6.40 -0.22
C HIS A 179 1.54 7.04 -0.39
N VAL A 180 1.80 8.10 0.38
CA VAL A 180 3.15 8.75 0.32
C VAL A 180 4.18 7.75 0.84
N ILE A 181 4.02 7.30 2.08
CA ILE A 181 4.96 6.31 2.67
C ILE A 181 5.19 5.23 1.62
N GLN A 182 4.10 4.67 1.10
CA GLN A 182 4.23 3.56 0.12
C GLN A 182 5.08 4.03 -1.04
N LYS A 183 4.68 5.12 -1.69
CA LYS A 183 5.46 5.64 -2.83
C LYS A 183 6.93 5.63 -2.45
N ILE A 184 7.30 6.31 -1.38
CA ILE A 184 8.73 6.40 -0.96
C ILE A 184 9.31 4.99 -0.93
N VAL A 185 8.74 4.11 -0.12
CA VAL A 185 9.28 2.73 0.02
C VAL A 185 9.44 2.07 -1.34
N LYS A 186 8.42 2.13 -2.18
CA LYS A 186 8.47 1.40 -3.48
C LYS A 186 9.31 2.14 -4.50
N THR A 187 9.54 3.44 -4.30
CA THR A 187 10.26 4.21 -5.31
C THR A 187 11.75 4.35 -5.00
N LEU A 188 12.09 4.73 -3.77
CA LEU A 188 13.43 5.18 -3.43
C LEU A 188 14.30 4.03 -2.92
N PRO A 189 15.64 4.18 -3.01
CA PRO A 189 16.53 3.20 -2.38
C PRO A 189 16.35 3.14 -0.87
N VAL A 190 16.76 1.99 -0.30
CA VAL A 190 16.37 1.58 1.05
C VAL A 190 16.89 2.55 2.10
N SER A 191 18.09 3.09 1.87
CA SER A 191 18.71 4.03 2.79
C SER A 191 17.94 5.34 2.93
N SER A 192 17.05 5.64 1.98
CA SER A 192 16.18 6.81 2.11
C SER A 192 15.09 6.62 3.16
N TRP A 193 14.78 5.37 3.54
CA TRP A 193 13.67 5.19 4.48
C TRP A 193 13.93 4.12 5.52
N THR A 194 15.22 3.87 5.86
CA THR A 194 15.59 2.89 6.87
C THR A 194 14.99 3.21 8.23
N PHE A 195 14.86 4.51 8.54
CA PHE A 195 14.25 4.98 9.78
C PHE A 195 12.82 4.48 9.93
N LEU A 196 12.13 4.28 8.80
CA LEU A 196 10.77 3.75 8.83
C LEU A 196 10.75 2.35 9.43
N VAL A 197 11.72 1.51 9.04
CA VAL A 197 11.87 0.19 9.65
C VAL A 197 12.19 0.33 11.14
N ASP A 198 12.97 1.36 11.48
CA ASP A 198 13.27 1.66 12.89
C ASP A 198 12.00 1.98 13.66
N PHE A 199 11.07 2.71 13.02
CA PHE A 199 9.81 3.03 13.69
C PHE A 199 8.98 1.77 13.92
N PHE A 200 9.12 0.77 13.05
CA PHE A 200 8.38 -0.46 13.24
C PHE A 200 9.19 -1.50 14.00
N ALA A 201 10.34 -1.09 14.56
CA ALA A 201 11.00 -1.94 15.54
C ALA A 201 10.15 -2.08 16.80
N ASP A 202 9.40 -1.04 17.16
CA ASP A 202 8.47 -1.12 18.26
C ASP A 202 7.32 -2.04 17.89
N ASP A 203 6.90 -2.86 18.87
CA ASP A 203 5.79 -3.78 18.60
C ASP A 203 4.46 -3.04 18.52
N ASP A 204 4.24 -2.07 19.41
CA ASP A 204 2.94 -1.38 19.48
C ASP A 204 2.68 -0.53 18.23
N ASN A 205 3.72 0.11 17.69
CA ASN A 205 3.56 0.86 16.44
C ASN A 205 3.25 -0.07 15.29
N LEU A 206 3.84 -1.27 15.31
CA LEU A 206 3.60 -2.24 14.21
C LEU A 206 2.14 -2.68 14.23
N ILE A 207 1.63 -3.08 15.39
CA ILE A 207 0.24 -3.61 15.47
C ILE A 207 -0.74 -2.52 15.05
N HIS A 208 -0.66 -1.35 15.65
CA HIS A 208 -1.64 -0.27 15.37
C HIS A 208 -1.69 -0.02 13.86
N VAL A 209 -0.52 0.00 13.21
CA VAL A 209 -0.47 0.26 11.74
C VAL A 209 -0.97 -0.97 11.01
N CYS A 210 -0.53 -2.16 11.40
CA CYS A 210 -0.89 -3.39 10.64
C CYS A 210 -2.40 -3.64 10.75
N GLN A 211 -2.96 -3.43 11.93
CA GLN A 211 -4.42 -3.61 12.12
C GLN A 211 -5.15 -2.35 11.69
N ASP A 212 -4.89 -1.86 10.47
CA ASP A 212 -5.60 -0.67 9.93
C ASP A 212 -5.87 -0.88 8.45
N LYS A 213 -6.94 -0.28 7.95
CA LYS A 213 -7.35 -0.48 6.56
C LYS A 213 -6.36 0.11 5.57
N TYR A 214 -5.56 1.10 5.98
CA TYR A 214 -4.53 1.68 5.13
C TYR A 214 -3.13 1.19 5.48
N GLY A 215 -2.83 1.05 6.78
CA GLY A 215 -1.48 0.69 7.21
C GLY A 215 -1.08 -0.73 6.91
N CYS A 216 -2.04 -1.62 6.70
CA CYS A 216 -1.73 -2.97 6.27
C CYS A 216 -1.12 -2.98 4.87
N ARG A 217 -1.59 -2.07 4.00
CA ARG A 217 -0.99 -1.90 2.69
C ARG A 217 0.42 -1.34 2.80
N VAL A 218 0.65 -0.48 3.80
CA VAL A 218 1.97 0.10 4.03
C VAL A 218 2.96 -0.98 4.45
N ILE A 219 2.56 -1.82 5.41
CA ILE A 219 3.41 -2.92 5.87
C ILE A 219 3.65 -3.91 4.74
N GLN A 220 2.61 -4.19 3.93
CA GLN A 220 2.75 -5.11 2.80
C GLN A 220 3.74 -4.58 1.77
N SER A 221 3.70 -3.28 1.49
CA SER A 221 4.63 -2.68 0.52
C SER A 221 6.06 -2.69 1.04
N THR A 222 6.23 -2.41 2.34
CA THR A 222 7.57 -2.43 2.94
C THR A 222 8.16 -3.83 2.92
N VAL A 223 7.37 -4.84 3.24
CA VAL A 223 7.86 -6.22 3.27
C VAL A 223 8.16 -6.72 1.86
N GLU A 224 7.27 -6.40 0.93
CA GLU A 224 7.51 -6.82 -0.47
C GLU A 224 8.81 -6.20 -0.94
N THR A 225 9.03 -4.91 -0.65
CA THR A 225 10.24 -4.22 -1.16
C THR A 225 11.51 -4.82 -0.56
N LEU A 226 11.55 -4.96 0.77
CA LEU A 226 12.78 -5.47 1.44
C LEU A 226 13.05 -6.91 1.00
N SER A 227 12.00 -7.66 0.63
CA SER A 227 12.16 -9.09 0.25
C SER A 227 12.51 -9.20 -1.24
N THR A 228 11.92 -8.34 -2.07
CA THR A 228 12.14 -8.44 -3.53
C THR A 228 13.63 -8.30 -3.83
N ASP A 229 14.41 -7.81 -2.86
CA ASP A 229 15.88 -7.69 -3.04
C ASP A 229 16.42 -8.97 -3.68
N GLN A 230 15.84 -10.14 -3.32
CA GLN A 230 16.26 -11.43 -3.92
C GLN A 230 17.67 -11.79 -3.46
N TYR A 231 18.35 -12.69 -4.18
CA TYR A 231 19.71 -13.12 -3.75
C TYR A 231 20.77 -12.53 -4.68
N ALA A 232 20.68 -11.23 -4.94
CA ALA A 232 21.68 -10.55 -5.79
C ALA A 232 22.70 -9.85 -4.90
N GLN A 233 22.65 -10.10 -3.58
CA GLN A 233 23.54 -9.41 -2.66
C GLN A 233 24.34 -10.44 -1.88
N CYS A 234 25.66 -10.23 -1.79
CA CYS A 234 26.49 -11.11 -0.98
C CYS A 234 26.32 -10.79 0.51
N TYR A 235 26.65 -9.57 0.91
CA TYR A 235 26.23 -9.04 2.20
C TYR A 235 25.04 -8.14 1.92
N GLN A 236 23.87 -8.52 2.43
CA GLN A 236 22.66 -7.75 2.26
C GLN A 236 22.36 -7.00 3.54
N HIS A 237 22.16 -5.69 3.45
CA HIS A 237 21.74 -4.94 4.66
C HIS A 237 20.24 -5.11 4.83
N ARG A 238 19.53 -5.32 3.71
CA ARG A 238 18.05 -5.44 3.76
C ARG A 238 17.64 -6.63 4.63
N VAL A 239 18.41 -7.71 4.62
CA VAL A 239 18.03 -8.92 5.38
C VAL A 239 17.93 -8.55 6.86
N ILE A 240 18.85 -7.71 7.34
CA ILE A 240 18.86 -7.31 8.77
C ILE A 240 17.59 -6.50 9.04
N LEU A 241 17.25 -5.62 8.12
CA LEU A 241 16.04 -4.77 8.26
C LEU A 241 14.79 -5.64 8.21
N LEU A 242 14.73 -6.55 7.24
CA LEU A 242 13.55 -7.46 7.12
C LEU A 242 13.45 -8.27 8.40
N ARG A 243 14.58 -8.75 8.91
CA ARG A 243 14.58 -9.56 10.14
C ARG A 243 14.01 -8.73 11.29
N SER A 244 14.42 -7.47 11.37
CA SER A 244 13.97 -6.60 12.49
C SER A 244 12.45 -6.47 12.42
N LEU A 245 11.91 -6.35 11.22
CA LEU A 245 10.44 -6.20 11.04
C LEU A 245 9.78 -7.54 11.30
N MET A 246 10.18 -8.58 10.57
CA MET A 246 9.52 -9.90 10.68
C MET A 246 9.49 -10.33 12.14
N ALA A 247 10.44 -9.86 12.94
CA ALA A 247 10.51 -10.29 14.36
C ALA A 247 9.19 -9.93 15.03
N GLY A 248 8.71 -8.70 14.84
CA GLY A 248 7.45 -8.27 15.47
C GLY A 248 6.27 -8.98 14.85
N VAL A 249 6.29 -9.13 13.53
CA VAL A 249 5.21 -9.87 12.84
C VAL A 249 5.09 -11.24 13.51
N THR A 250 6.23 -11.91 13.72
CA THR A 250 6.21 -13.27 14.29
C THR A 250 5.80 -13.20 15.76
N ARG A 251 6.19 -12.15 16.46
CA ARG A 251 5.89 -12.09 17.92
C ARG A 251 4.39 -11.90 18.10
N ASN A 252 3.77 -11.09 17.24
CA ASN A 252 2.35 -10.82 17.40
C ASN A 252 1.47 -11.49 16.34
N CYS A 253 2.01 -12.51 15.65
CA CYS A 253 1.33 -13.17 14.54
C CYS A 253 0.02 -13.86 14.90
N THR A 254 -0.20 -14.24 16.17
CA THR A 254 -1.51 -14.77 16.55
C THR A 254 -2.60 -13.71 16.42
N GLN A 255 -2.37 -12.54 17.04
CA GLN A 255 -3.31 -11.43 16.97
C GLN A 255 -3.42 -10.89 15.55
N LEU A 256 -2.31 -10.83 14.82
CA LEU A 256 -2.38 -10.34 13.45
C LEU A 256 -3.07 -11.32 12.50
N ALA A 257 -2.98 -12.64 12.77
CA ALA A 257 -3.66 -13.60 11.92
C ALA A 257 -5.16 -13.59 12.15
N SER A 258 -5.58 -13.50 13.42
CA SER A 258 -7.02 -13.44 13.70
C SER A 258 -7.53 -12.00 13.69
N ASN A 259 -7.30 -11.28 12.59
CA ASN A 259 -7.60 -9.85 12.53
C ASN A 259 -8.14 -9.50 11.16
N GLU A 260 -9.00 -8.46 11.14
CA GLU A 260 -9.69 -8.00 9.94
C GLU A 260 -8.73 -7.57 8.84
N PHE A 261 -7.75 -6.74 9.17
CA PHE A 261 -6.85 -6.20 8.16
C PHE A 261 -5.45 -6.80 8.18
N ALA A 262 -4.97 -7.22 9.35
CA ALA A 262 -3.59 -7.64 9.47
C ALA A 262 -3.35 -9.00 8.80
N ASN A 263 -4.40 -9.83 8.73
CA ASN A 263 -4.26 -11.20 8.22
C ASN A 263 -3.77 -11.24 6.79
N TYR A 264 -4.10 -10.19 6.01
CA TYR A 264 -3.69 -10.10 4.61
C TYR A 264 -2.18 -10.10 4.50
N VAL A 265 -1.50 -9.30 5.34
CA VAL A 265 -0.04 -9.25 5.20
C VAL A 265 0.57 -10.53 5.73
N VAL A 266 -0.14 -11.22 6.66
CA VAL A 266 0.31 -12.53 7.13
C VAL A 266 0.30 -13.52 5.98
N GLN A 267 -0.73 -13.46 5.13
CA GLN A 267 -0.82 -14.32 3.96
C GLN A 267 0.33 -14.06 3.01
N HIS A 268 0.79 -12.80 2.94
CA HIS A 268 1.88 -12.45 2.05
C HIS A 268 3.16 -13.18 2.44
N VAL A 269 3.42 -13.28 3.75
CA VAL A 269 4.69 -13.89 4.14
C VAL A 269 4.61 -15.40 3.97
N ILE A 270 3.40 -15.94 3.81
CA ILE A 270 3.28 -17.34 3.44
C ILE A 270 3.23 -17.50 1.93
N LYS A 271 2.64 -16.51 1.22
CA LYS A 271 2.47 -16.67 -0.22
C LYS A 271 3.76 -16.46 -0.98
N CYS A 272 4.65 -15.63 -0.44
CA CYS A 272 5.84 -15.23 -1.17
C CYS A 272 6.84 -16.38 -1.28
N GLY A 273 7.14 -17.02 -0.15
CA GLY A 273 8.26 -17.94 -0.16
C GLY A 273 9.57 -17.18 -0.31
N ASP A 274 10.56 -17.90 -0.83
CA ASP A 274 11.92 -17.41 -1.10
C ASP A 274 12.55 -16.73 0.11
N ALA A 275 12.65 -15.40 0.05
CA ALA A 275 13.30 -14.65 1.15
C ALA A 275 12.47 -14.72 2.43
N LEU A 276 11.18 -15.06 2.33
CA LEU A 276 10.29 -15.04 3.52
C LEU A 276 9.96 -16.47 3.95
N ALA A 277 10.53 -17.47 3.28
CA ALA A 277 10.23 -18.88 3.61
C ALA A 277 10.50 -19.15 5.09
N VAL A 278 11.66 -18.73 5.58
CA VAL A 278 12.03 -19.00 7.00
C VAL A 278 10.93 -18.42 7.89
N TYR A 279 10.52 -17.19 7.61
CA TYR A 279 9.51 -16.52 8.46
C TYR A 279 8.17 -17.25 8.32
N ARG A 280 7.82 -17.68 7.11
CA ARG A 280 6.56 -18.44 6.92
C ARG A 280 6.56 -19.64 7.86
N ASP A 281 7.66 -20.38 7.89
CA ASP A 281 7.71 -21.60 8.72
C ASP A 281 7.48 -21.22 10.19
N ILE A 282 8.17 -20.20 10.68
CA ILE A 282 7.99 -19.74 12.09
C ILE A 282 6.51 -19.44 12.31
N ILE A 283 5.89 -18.77 11.35
CA ILE A 283 4.47 -18.40 11.45
C ILE A 283 3.63 -19.65 11.67
N ILE A 284 3.88 -20.68 10.86
CA ILE A 284 3.14 -21.93 10.96
C ILE A 284 3.45 -22.64 12.27
N GLU A 285 4.67 -22.47 12.81
CA GLU A 285 4.92 -23.16 14.07
C GLU A 285 4.40 -22.41 15.28
N GLN A 286 4.09 -21.10 15.19
CA GLN A 286 3.87 -20.39 16.45
C GLN A 286 2.47 -19.83 16.65
N CYS A 287 1.60 -19.81 15.64
CA CYS A 287 0.20 -19.56 15.97
C CYS A 287 -0.73 -20.50 15.21
N LEU A 288 -0.30 -20.98 14.05
CA LEU A 288 -1.10 -21.92 13.28
C LEU A 288 -1.23 -23.26 14.00
N LEU A 289 -0.10 -23.84 14.42
CA LEU A 289 -0.15 -25.13 15.09
C LEU A 289 -0.79 -25.00 16.48
N GLN A 290 -1.51 -26.06 16.87
CA GLN A 290 -2.41 -26.18 18.02
C GLN A 290 -3.64 -25.27 17.96
N ASN A 291 -3.86 -24.57 16.84
CA ASN A 291 -4.99 -23.65 16.76
C ASN A 291 -5.82 -23.78 15.50
N LEU A 292 -5.52 -24.75 14.63
CA LEU A 292 -6.04 -24.78 13.25
C LEU A 292 -7.56 -24.89 13.19
N LEU A 293 -8.16 -25.63 14.11
CA LEU A 293 -9.60 -25.70 14.21
C LEU A 293 -10.20 -24.34 14.54
N SER A 294 -9.63 -23.68 15.55
CA SER A 294 -10.17 -22.42 16.05
C SER A 294 -10.04 -21.31 15.02
N MET A 295 -8.91 -21.24 14.31
CA MET A 295 -8.82 -20.20 13.28
C MET A 295 -9.48 -20.59 11.97
N SER A 296 -9.70 -21.89 11.72
CA SER A 296 -10.45 -22.27 10.52
C SER A 296 -11.95 -22.02 10.68
N GLN A 297 -12.45 -21.91 11.91
CA GLN A 297 -13.82 -21.47 12.12
C GLN A 297 -13.94 -19.96 12.28
N GLU A 298 -12.92 -19.20 11.89
CA GLU A 298 -12.95 -17.74 11.96
C GLU A 298 -13.07 -17.17 10.56
N LYS A 299 -13.62 -15.95 10.49
CA LYS A 299 -13.87 -15.32 9.19
C LYS A 299 -12.57 -14.90 8.51
N TYR A 300 -11.64 -14.32 9.26
CA TYR A 300 -10.44 -13.75 8.69
C TYR A 300 -9.31 -14.77 8.61
N ALA A 301 -9.08 -15.51 9.70
CA ALA A 301 -7.92 -16.38 9.78
C ALA A 301 -8.07 -17.68 8.98
N SER A 302 -9.27 -18.00 8.48
CA SER A 302 -9.42 -19.20 7.66
C SER A 302 -8.72 -19.04 6.32
N HIS A 303 -8.59 -17.82 5.80
CA HIS A 303 -7.78 -17.59 4.61
C HIS A 303 -6.30 -17.80 4.91
N VAL A 304 -5.87 -17.45 6.12
CA VAL A 304 -4.50 -17.69 6.54
C VAL A 304 -4.23 -19.19 6.61
N VAL A 305 -5.19 -19.97 7.13
CA VAL A 305 -5.03 -21.42 7.18
C VAL A 305 -5.05 -22.01 5.77
N GLU A 306 -5.85 -21.43 4.86
CA GLU A 306 -5.87 -21.87 3.46
C GLU A 306 -4.50 -21.69 2.80
N VAL A 307 -3.92 -20.49 2.94
CA VAL A 307 -2.66 -20.23 2.26
C VAL A 307 -1.50 -20.97 2.95
N ALA A 308 -1.60 -21.20 4.27
CA ALA A 308 -0.60 -22.01 4.96
C ALA A 308 -0.67 -23.46 4.53
N PHE A 309 -1.87 -23.99 4.29
CA PHE A 309 -1.98 -25.34 3.75
C PHE A 309 -1.49 -25.40 2.30
N GLU A 310 -1.65 -24.31 1.56
CA GLU A 310 -1.29 -24.31 0.14
C GLU A 310 0.22 -24.23 -0.05
N CYS A 311 0.91 -23.42 0.76
CA CYS A 311 2.27 -22.99 0.45
C CYS A 311 3.34 -23.55 1.39
N ALA A 312 2.98 -24.34 2.39
CA ALA A 312 3.98 -24.84 3.33
C ALA A 312 4.82 -25.95 2.71
N PRO A 313 6.04 -26.16 3.24
CA PRO A 313 6.77 -27.39 2.93
C PRO A 313 6.12 -28.60 3.57
N TYR A 314 6.52 -29.78 3.07
CA TYR A 314 5.87 -31.04 3.46
C TYR A 314 6.02 -31.35 4.94
N ARG A 315 7.16 -30.97 5.54
N ARG A 315 7.17 -30.97 5.53
CA ARG A 315 7.39 -31.27 6.95
CA ARG A 315 7.44 -31.22 6.95
C ARG A 315 6.44 -30.49 7.86
C ARG A 315 6.45 -30.49 7.84
N LEU A 316 6.00 -29.30 7.43
CA LEU A 316 5.00 -28.57 8.20
C LEU A 316 3.60 -29.05 7.87
N VAL A 317 3.37 -29.37 6.59
CA VAL A 317 2.07 -29.83 6.11
C VAL A 317 1.65 -31.11 6.83
N ALA A 318 2.63 -32.00 7.07
CA ALA A 318 2.36 -33.23 7.81
C ALA A 318 1.93 -32.95 9.24
N GLU A 319 2.54 -31.93 9.87
CA GLU A 319 2.13 -31.57 11.23
C GLU A 319 0.71 -31.01 11.25
N MET A 320 0.36 -30.18 10.26
CA MET A 320 -1.02 -29.68 10.18
C MET A 320 -2.01 -30.81 9.95
N MET A 321 -1.68 -31.77 9.07
CA MET A 321 -2.58 -32.87 8.77
C MET A 321 -2.77 -33.78 9.98
N ASN A 322 -1.68 -34.05 10.72
CA ASN A 322 -1.80 -34.83 11.95
C ASN A 322 -2.61 -34.08 13.00
N GLU A 323 -2.51 -32.74 13.04
CA GLU A 323 -3.31 -31.99 14.01
C GLU A 323 -4.80 -32.06 13.69
N ILE A 324 -5.18 -31.91 12.41
CA ILE A 324 -6.59 -32.01 12.04
C ILE A 324 -7.12 -33.42 12.27
N PHE A 325 -6.36 -34.44 11.84
CA PHE A 325 -6.90 -35.80 11.91
C PHE A 325 -6.88 -36.38 13.32
N GLU A 326 -5.79 -36.21 14.07
CA GLU A 326 -5.67 -36.87 15.37
C GLU A 326 -5.23 -35.93 16.50
N GLY A 327 -5.35 -34.62 16.33
CA GLY A 327 -4.83 -33.71 17.33
C GLY A 327 -5.77 -33.18 18.39
N TYR A 328 -7.07 -33.39 18.25
CA TYR A 328 -8.03 -32.83 19.19
C TYR A 328 -8.83 -33.92 19.88
N ILE A 329 -9.26 -33.64 21.11
CA ILE A 329 -10.14 -34.53 21.85
C ILE A 329 -11.56 -34.35 21.33
N PRO A 330 -12.28 -35.45 21.01
CA PRO A 330 -13.63 -35.33 20.47
C PRO A 330 -14.60 -34.69 21.46
N HIS A 331 -15.66 -34.09 20.90
CA HIS A 331 -16.62 -33.35 21.69
C HIS A 331 -17.36 -34.29 22.66
N PRO A 332 -17.53 -33.90 23.93
CA PRO A 332 -18.10 -34.83 24.92
C PRO A 332 -19.56 -35.13 24.70
N ASP A 333 -20.31 -34.21 24.09
CA ASP A 333 -21.74 -34.41 23.84
C ASP A 333 -22.00 -35.10 22.51
N THR A 334 -21.25 -34.74 21.46
CA THR A 334 -21.62 -35.10 20.09
C THR A 334 -20.68 -36.10 19.43
N ASN A 335 -19.49 -36.33 20.01
CA ASN A 335 -18.44 -37.22 19.50
C ASN A 335 -18.05 -36.78 18.09
N ARG A 336 -17.42 -35.60 18.04
N ARG A 336 -17.55 -35.56 18.00
CA ARG A 336 -17.19 -34.87 16.79
CA ARG A 336 -17.11 -35.05 16.71
C ARG A 336 -15.79 -34.26 16.83
C ARG A 336 -15.74 -34.43 16.88
N ASP A 337 -14.93 -34.63 15.87
CA ASP A 337 -13.54 -34.16 15.86
C ASP A 337 -13.42 -32.90 15.00
N ALA A 338 -12.18 -32.48 14.74
CA ALA A 338 -11.94 -31.28 13.94
C ALA A 338 -12.45 -31.43 12.51
N LEU A 339 -12.24 -32.61 11.90
CA LEU A 339 -12.65 -32.80 10.52
C LEU A 339 -14.18 -32.81 10.36
N ASP A 340 -14.88 -33.45 11.29
CA ASP A 340 -16.35 -33.44 11.27
C ASP A 340 -16.90 -32.04 11.49
N ILE A 341 -16.22 -31.21 12.30
CA ILE A 341 -16.66 -29.84 12.48
C ILE A 341 -16.44 -29.03 11.20
N LEU A 342 -15.25 -29.14 10.62
CA LEU A 342 -14.95 -28.31 9.45
C LEU A 342 -15.64 -28.76 8.18
N LEU A 343 -16.18 -29.99 8.12
CA LEU A 343 -16.96 -30.38 6.96
C LEU A 343 -18.26 -29.59 6.86
N PHE A 344 -18.94 -29.37 7.99
CA PHE A 344 -20.23 -28.68 8.01
C PHE A 344 -20.12 -27.25 8.51
N HIS A 345 -18.94 -26.65 8.45
CA HIS A 345 -18.77 -25.28 8.92
C HIS A 345 -18.77 -24.33 7.73
N GLN A 346 -19.26 -23.11 7.98
CA GLN A 346 -19.41 -22.11 6.93
C GLN A 346 -18.07 -21.75 6.30
N TYR A 347 -17.07 -21.50 7.14
CA TYR A 347 -15.73 -21.14 6.67
C TYR A 347 -14.81 -22.35 6.52
N GLY A 348 -14.93 -23.35 7.40
CA GLY A 348 -13.97 -24.44 7.46
C GLY A 348 -13.99 -25.39 6.27
N ASN A 349 -15.10 -25.42 5.53
CA ASN A 349 -15.15 -26.24 4.32
C ASN A 349 -14.17 -25.75 3.27
N TYR A 350 -13.91 -24.43 3.23
CA TYR A 350 -12.91 -23.88 2.33
C TYR A 350 -11.52 -24.39 2.67
N VAL A 351 -11.23 -24.49 3.98
CA VAL A 351 -9.98 -25.07 4.46
C VAL A 351 -9.87 -26.52 4.02
N VAL A 352 -10.96 -27.30 4.17
CA VAL A 352 -10.96 -28.72 3.80
C VAL A 352 -10.77 -28.91 2.29
N GLN A 353 -11.39 -28.04 1.48
CA GLN A 353 -11.15 -28.08 0.04
C GLN A 353 -9.69 -27.78 -0.28
N GLN A 354 -9.06 -26.88 0.49
CA GLN A 354 -7.64 -26.60 0.26
C GLN A 354 -6.76 -27.79 0.65
N MET A 355 -7.09 -28.49 1.74
CA MET A 355 -6.38 -29.74 2.10
C MET A 355 -6.50 -30.78 1.01
N ILE A 356 -7.69 -30.93 0.43
CA ILE A 356 -7.90 -31.85 -0.69
C ILE A 356 -7.03 -31.45 -1.88
N GLN A 357 -7.00 -30.16 -2.20
CA GLN A 357 -6.24 -29.66 -3.35
C GLN A 357 -4.74 -29.87 -3.16
N THR A 358 -4.23 -29.61 -1.93
CA THR A 358 -2.82 -29.84 -1.64
C THR A 358 -2.46 -31.32 -1.73
N CYS A 359 -3.34 -32.20 -1.27
CA CYS A 359 -3.05 -33.63 -1.37
C CYS A 359 -3.04 -34.14 -2.81
N VAL A 360 -4.02 -33.73 -3.63
CA VAL A 360 -4.00 -34.19 -5.02
C VAL A 360 -2.88 -33.53 -5.82
N LEU A 361 -2.40 -32.37 -5.39
CA LEU A 361 -1.26 -31.77 -6.12
C LEU A 361 0.04 -32.44 -5.69
N GLY A 362 0.10 -32.92 -4.45
CA GLY A 362 1.36 -33.50 -3.94
C GLY A 362 1.48 -34.98 -4.20
N GLN A 363 0.41 -35.59 -4.73
CA GLN A 363 0.47 -37.03 -5.07
C GLN A 363 1.35 -37.17 -6.31
N ASN A 364 1.65 -36.06 -6.97
CA ASN A 364 2.53 -36.07 -8.16
C ASN A 364 3.93 -35.68 -7.74
N ALA A 365 4.33 -36.05 -6.53
CA ALA A 365 5.65 -35.64 -6.00
C ALA A 365 6.71 -36.69 -6.34
N ARG A 366 7.98 -36.31 -6.23
CA ARG A 366 9.08 -37.26 -6.52
C ARG A 366 9.17 -38.29 -5.39
N ASP A 367 9.26 -37.84 -4.13
CA ASP A 367 9.43 -38.80 -3.02
C ASP A 367 8.19 -39.70 -2.97
N GLN A 368 8.40 -41.00 -2.99
CA GLN A 368 7.26 -41.95 -2.99
C GLN A 368 6.56 -41.87 -1.63
N LYS A 369 7.33 -41.81 -0.56
CA LYS A 369 6.71 -41.81 0.79
C LYS A 369 5.77 -40.62 0.87
N GLN A 370 6.23 -39.46 0.39
CA GLN A 370 5.39 -38.24 0.47
C GLN A 370 4.10 -38.49 -0.30
N SER A 371 4.21 -39.04 -1.50
CA SER A 371 3.01 -39.32 -2.33
C SER A 371 2.10 -40.27 -1.57
N GLU A 372 2.66 -41.31 -0.97
CA GLU A 372 1.84 -42.29 -0.22
C GLU A 372 1.17 -41.57 0.94
N MET A 373 1.89 -40.67 1.61
CA MET A 373 1.32 -39.97 2.79
C MET A 373 0.18 -39.08 2.35
N TYR A 374 0.36 -38.36 1.24
CA TYR A 374 -0.71 -37.46 0.74
C TYR A 374 -1.94 -38.29 0.42
N GLY A 375 -1.74 -39.47 -0.14
CA GLY A 375 -2.87 -40.35 -0.45
C GLY A 375 -3.55 -40.83 0.81
N MET A 376 -2.78 -41.24 1.80
CA MET A 376 -3.38 -41.66 3.09
C MET A 376 -4.33 -40.57 3.55
N TRP A 377 -3.87 -39.32 3.50
CA TRP A 377 -4.70 -38.23 3.98
C TRP A 377 -5.95 -38.07 3.11
N LEU A 378 -5.82 -38.30 1.80
CA LEU A 378 -6.99 -38.32 0.92
C LEU A 378 -7.97 -39.43 1.29
N GLU A 379 -7.46 -40.62 1.62
CA GLU A 379 -8.35 -41.72 2.00
C GLU A 379 -9.04 -41.44 3.34
N LYS A 380 -8.36 -40.75 4.26
CA LYS A 380 -9.00 -40.30 5.50
C LYS A 380 -10.14 -39.32 5.21
N ILE A 381 -9.88 -38.35 4.33
CA ILE A 381 -10.89 -37.35 3.96
C ILE A 381 -12.08 -37.99 3.28
N HIS A 382 -11.81 -38.94 2.37
CA HIS A 382 -12.87 -39.64 1.65
C HIS A 382 -13.71 -40.48 2.60
N GLY A 383 -13.08 -41.12 3.60
CA GLY A 383 -13.84 -41.88 4.57
C GLY A 383 -14.82 -41.02 5.36
N ARG A 384 -14.35 -39.84 5.80
CA ARG A 384 -15.26 -38.95 6.51
C ARG A 384 -16.35 -38.38 5.59
N VAL A 385 -15.96 -38.02 4.36
CA VAL A 385 -16.94 -37.40 3.44
C VAL A 385 -18.03 -38.42 3.11
N MET A 386 -17.64 -39.64 2.72
CA MET A 386 -18.62 -40.67 2.31
C MET A 386 -19.57 -40.94 3.48
N ARG A 387 -19.05 -41.08 4.69
CA ARG A 387 -19.92 -41.28 5.87
C ARG A 387 -20.93 -40.13 5.95
N ASN A 388 -20.47 -38.90 5.74
CA ASN A 388 -21.38 -37.76 5.91
C ASN A 388 -22.00 -37.27 4.59
N ALA A 389 -21.88 -38.04 3.50
CA ALA A 389 -22.23 -37.56 2.17
C ALA A 389 -23.71 -37.33 1.98
N HIS A 390 -24.56 -38.06 2.72
CA HIS A 390 -26.00 -37.89 2.58
C HIS A 390 -26.44 -36.50 3.00
N ARG A 391 -25.90 -36.01 4.12
CA ARG A 391 -26.15 -34.63 4.50
C ARG A 391 -25.38 -33.65 3.61
N LEU A 392 -24.12 -33.98 3.28
CA LEU A 392 -23.26 -33.03 2.57
C LEU A 392 -23.70 -32.76 1.13
N GLU A 393 -24.41 -33.71 0.51
CA GLU A 393 -24.83 -33.59 -0.88
C GLU A 393 -25.79 -32.42 -1.08
N ARG A 394 -26.57 -32.06 -0.04
CA ARG A 394 -27.50 -30.95 -0.14
C ARG A 394 -26.80 -29.59 -0.22
N PHE A 395 -25.57 -29.50 0.30
CA PHE A 395 -24.83 -28.24 0.33
C PHE A 395 -24.04 -28.03 -0.96
N SER A 396 -23.80 -26.76 -1.29
CA SER A 396 -22.94 -26.42 -2.42
C SER A 396 -21.50 -26.80 -2.15
N SER A 397 -21.04 -26.57 -0.91
CA SER A 397 -19.68 -26.93 -0.51
C SER A 397 -19.47 -28.43 -0.59
N GLY A 398 -20.48 -29.22 -0.20
CA GLY A 398 -20.40 -30.66 -0.33
C GLY A 398 -20.36 -31.12 -1.77
N LYS A 399 -21.03 -30.39 -2.65
CA LYS A 399 -20.95 -30.75 -4.08
C LYS A 399 -19.53 -30.49 -4.57
N LYS A 400 -18.98 -29.33 -4.21
CA LYS A 400 -17.61 -29.00 -4.62
C LYS A 400 -16.60 -30.00 -4.07
N ILE A 401 -16.79 -30.40 -2.80
CA ILE A 401 -15.91 -31.37 -2.16
C ILE A 401 -15.98 -32.72 -2.86
N ILE A 402 -17.20 -33.24 -3.09
CA ILE A 402 -17.37 -34.55 -3.70
C ILE A 402 -16.86 -34.55 -5.14
N GLU A 403 -17.04 -33.44 -5.86
CA GLU A 403 -16.45 -33.31 -7.19
C GLU A 403 -14.92 -33.24 -7.13
N ALA A 404 -14.36 -32.80 -6.01
CA ALA A 404 -12.89 -32.76 -5.89
C ALA A 404 -12.29 -34.14 -5.70
N LEU A 405 -12.95 -35.03 -4.95
CA LEU A 405 -12.42 -36.39 -4.78
C LEU A 405 -12.91 -37.35 -5.84
N GLN A 406 -13.28 -36.87 -7.02
CA GLN A 406 -13.79 -37.72 -8.09
C GLN A 406 -12.65 -38.44 -8.77
N SER A 407 -12.70 -39.78 -8.77
CA SER A 407 -11.81 -40.66 -9.54
C SER A 407 -10.34 -40.47 -9.15
N MET A 408 -10.03 -40.84 -7.91
CA MET A 408 -8.67 -40.76 -7.41
C MET A 408 -8.08 -42.15 -7.24
N SER A 409 -6.78 -42.19 -6.93
CA SER A 409 -6.04 -43.45 -6.82
C SER A 409 -4.79 -43.23 -5.98
N LEU A 410 -4.65 -44.00 -4.90
CA LEU A 410 -3.41 -43.98 -4.12
C LEU A 410 -2.27 -44.65 -4.87
N TYR A 411 -2.59 -45.67 -5.68
CA TYR A 411 -1.65 -46.49 -6.46
C TYR A 411 -0.57 -47.13 -5.59
S SO4 C . -15.54 -39.35 14.67
O1 SO4 C . -16.51 -39.54 13.55
O2 SO4 C . -15.49 -40.57 15.54
O3 SO4 C . -14.17 -39.11 14.09
O4 SO4 C . -15.95 -38.17 15.49
S SO4 D . 12.35 18.78 -19.47
O1 SO4 D . 12.20 19.82 -20.52
O2 SO4 D . 11.13 18.75 -18.60
O3 SO4 D . 12.54 17.44 -20.10
O4 SO4 D . 13.55 19.10 -18.61
C1 GOL E . 12.77 -23.59 9.42
O1 GOL E . 12.69 -22.20 9.25
C2 GOL E . 11.91 -23.98 10.61
O2 GOL E . 12.14 -25.34 10.93
C3 GOL E . 12.16 -23.05 11.79
O3 GOL E . 11.80 -23.72 12.98
#